data_5JUB
#
_entry.id   5JUB
#
_cell.length_a   186.110
_cell.length_b   46.190
_cell.length_c   100.270
_cell.angle_alpha   90.00
_cell.angle_beta   98.23
_cell.angle_gamma   90.00
#
_symmetry.space_group_name_H-M   'C 1 2 1'
#
loop_
_entity.id
_entity.type
_entity.pdbx_description
1 polymer 'Transcriptional regulator'
2 polymer ComS
3 polymer pComX-rev
4 polymer pComX-for
#
loop_
_entity_poly.entity_id
_entity_poly.type
_entity_poly.pdbx_seq_one_letter_code
_entity_poly.pdbx_strand_id
1 'polypeptide(L)'
;MNLKDSIGLRIKTERERQQMSREVLCLDGAELTVRQLIRIEKGESLPSLDRLSYIAKRLGKSMTELLDQDNITIPDEYYE
MKNRLIKFPTYRNPDRIKSKLTLIEEVYEKFFDILPEEELLTLDILENILSFTSWEESPKVEEIYEDLFEQVKRKRKFST
NDLLVIDYYFFHLYGRKQYDKKLFERIIKRVLNQEIWTDDVYNIVLFNDLMAIAALKIFHNSFSDFLTVVDKALAVIEKS
QLYSYKPSVFVLKAKYELLHKENKKEAAENYDKAIVFASVLEDSVLEESIKAGKLADGLGAGWSHPQFEK
;
A,B
2 'polypeptide(L)' LPYFAGCL C,D
3 'polydeoxyribonucleotide' (DT)(DA)(DG)(DA)(DG)(DA)(DC)(DA)(DT)(DA)(DT)(DA)(DT)(DG)(DT)(DC)(DA)(DC)(DT)(DA) X
4 'polydeoxyribonucleotide' (DT)(DA)(DG)(DT)(DG)(DA)(DC)(DA)(DT)(DA)(DT)(DA)(DT)(DG)(DT)(DC)(DT)(DC)(DT)(DA) Z
#
loop_
_chem_comp.id
_chem_comp.type
_chem_comp.name
_chem_comp.formula
DA DNA linking 2'-DEOXYADENOSINE-5'-MONOPHOSPHATE 'C10 H14 N5 O6 P'
DC DNA linking 2'-DEOXYCYTIDINE-5'-MONOPHOSPHATE 'C9 H14 N3 O7 P'
DG DNA linking 2'-DEOXYGUANOSINE-5'-MONOPHOSPHATE 'C10 H14 N5 O7 P'
DT DNA linking THYMIDINE-5'-MONOPHOSPHATE 'C10 H15 N2 O8 P'
#
# COMPACT_ATOMS: atom_id res chain seq x y z
N LEU A 3 -11.75 -19.27 -20.82
CA LEU A 3 -12.06 -17.92 -21.29
C LEU A 3 -13.09 -17.96 -22.42
N LYS A 4 -13.10 -19.06 -23.18
CA LYS A 4 -14.05 -19.18 -24.29
C LYS A 4 -15.48 -19.08 -23.81
N ASP A 5 -15.81 -19.79 -22.73
CA ASP A 5 -17.17 -19.74 -22.21
C ASP A 5 -17.44 -18.43 -21.47
N SER A 6 -16.42 -17.82 -20.86
CA SER A 6 -16.64 -16.60 -20.09
C SER A 6 -17.14 -15.46 -20.97
N ILE A 7 -16.59 -15.33 -22.17
CA ILE A 7 -17.00 -14.25 -23.06
C ILE A 7 -18.31 -14.60 -23.75
N GLY A 8 -18.45 -15.82 -24.24
CA GLY A 8 -19.69 -16.22 -24.89
C GLY A 8 -20.88 -16.19 -23.97
N LEU A 9 -20.67 -16.44 -22.68
CA LEU A 9 -21.76 -16.34 -21.72
C LEU A 9 -22.16 -14.89 -21.52
N ARG A 10 -21.19 -13.99 -21.44
CA ARG A 10 -21.49 -12.57 -21.26
C ARG A 10 -22.19 -11.99 -22.48
N ILE A 11 -21.78 -12.42 -23.68
CA ILE A 11 -22.41 -11.92 -24.90
C ILE A 11 -23.87 -12.37 -24.97
N LYS A 12 -24.12 -13.66 -24.73
CA LYS A 12 -25.48 -14.18 -24.83
C LYS A 12 -26.38 -13.60 -23.75
N THR A 13 -25.84 -13.38 -22.55
CA THR A 13 -26.63 -12.83 -21.45
C THR A 13 -27.07 -11.40 -21.77
N GLU A 14 -26.12 -10.55 -22.16
CA GLU A 14 -26.45 -9.16 -22.47
C GLU A 14 -27.33 -9.06 -23.70
N ARG A 15 -27.15 -9.96 -24.68
CA ARG A 15 -28.00 -9.92 -25.86
C ARG A 15 -29.43 -10.35 -25.54
N GLU A 16 -29.58 -11.38 -24.71
CA GLU A 16 -30.92 -11.86 -24.35
C GLU A 16 -31.63 -10.92 -23.39
N ARG A 17 -30.89 -10.22 -22.53
CA ARG A 17 -31.53 -9.27 -21.62
C ARG A 17 -32.01 -8.03 -22.36
N GLN A 18 -31.39 -7.70 -23.49
CA GLN A 18 -31.86 -6.63 -24.35
C GLN A 18 -32.92 -7.09 -25.34
N GLN A 19 -33.32 -8.36 -25.28
CA GLN A 19 -34.35 -8.94 -26.14
C GLN A 19 -33.99 -8.89 -27.61
N MET A 20 -32.71 -8.73 -27.93
CA MET A 20 -32.23 -8.74 -29.31
C MET A 20 -31.93 -10.18 -29.73
N SER A 21 -32.39 -10.55 -30.92
CA SER A 21 -32.15 -11.90 -31.43
C SER A 21 -30.81 -11.95 -32.16
N ARG A 22 -30.34 -13.18 -32.38
CA ARG A 22 -29.07 -13.39 -33.09
C ARG A 22 -29.13 -12.82 -34.50
N GLU A 23 -30.25 -13.06 -35.20
CA GLU A 23 -30.37 -12.58 -36.57
C GLU A 23 -30.39 -11.05 -36.61
N VAL A 24 -31.03 -10.43 -35.61
CA VAL A 24 -31.08 -8.97 -35.58
C VAL A 24 -29.71 -8.38 -35.25
N LEU A 25 -28.95 -9.04 -34.37
CA LEU A 25 -27.62 -8.55 -34.02
C LEU A 25 -26.69 -8.59 -35.23
N CYS A 26 -26.68 -9.71 -35.95
CA CYS A 26 -25.74 -9.86 -37.06
C CYS A 26 -26.11 -9.00 -38.27
N LEU A 27 -27.34 -8.50 -38.33
CA LEU A 27 -27.78 -7.54 -39.35
C LEU A 27 -27.68 -8.22 -40.71
N ASP A 28 -27.08 -7.59 -41.72
CA ASP A 28 -26.98 -8.20 -43.03
C ASP A 28 -25.98 -9.36 -43.04
N GLY A 29 -24.99 -9.32 -42.16
CA GLY A 29 -23.90 -10.26 -42.19
C GLY A 29 -22.58 -9.71 -42.69
N ALA A 30 -22.48 -8.38 -42.87
CA ALA A 30 -21.27 -7.80 -43.43
C ALA A 30 -20.09 -7.94 -42.46
N GLU A 31 -20.35 -7.83 -41.16
CA GLU A 31 -19.31 -7.94 -40.15
C GLU A 31 -19.38 -9.22 -39.33
N LEU A 32 -20.56 -9.82 -39.20
CA LEU A 32 -20.70 -11.06 -38.43
C LEU A 32 -21.94 -11.79 -38.92
N THR A 33 -21.86 -13.12 -38.92
CA THR A 33 -22.95 -13.98 -39.33
C THR A 33 -23.58 -14.65 -38.12
N VAL A 34 -24.81 -15.13 -38.33
CA VAL A 34 -25.56 -15.77 -37.24
C VAL A 34 -24.90 -17.08 -36.85
N ARG A 35 -24.39 -17.83 -37.84
CA ARG A 35 -23.77 -19.12 -37.55
C ARG A 35 -22.54 -18.95 -36.68
N GLN A 36 -21.76 -17.88 -36.91
CA GLN A 36 -20.58 -17.64 -36.10
C GLN A 36 -20.95 -17.16 -34.70
N LEU A 37 -21.99 -16.33 -34.60
CA LEU A 37 -22.43 -15.83 -33.30
C LEU A 37 -22.87 -16.99 -32.40
N ILE A 38 -23.46 -18.03 -32.99
CA ILE A 38 -23.81 -19.22 -32.22
C ILE A 38 -22.55 -19.88 -31.67
N ARG A 39 -21.51 -19.99 -32.51
CA ARG A 39 -20.26 -20.57 -32.05
C ARG A 39 -19.58 -19.70 -31.00
N ILE A 40 -19.71 -18.38 -31.10
CA ILE A 40 -19.11 -17.49 -30.12
C ILE A 40 -19.83 -17.59 -28.78
N GLU A 41 -21.16 -17.54 -28.80
CA GLU A 41 -21.93 -17.60 -27.56
C GLU A 41 -21.82 -18.96 -26.90
N LYS A 42 -21.93 -20.04 -27.68
CA LYS A 42 -21.88 -21.38 -27.11
C LYS A 42 -20.48 -21.78 -26.67
N GLY A 43 -19.45 -21.06 -27.08
CA GLY A 43 -18.09 -21.32 -26.67
C GLY A 43 -17.26 -22.13 -27.65
N GLU A 44 -17.81 -22.46 -28.82
CA GLU A 44 -17.04 -23.24 -29.80
C GLU A 44 -15.90 -22.43 -30.40
N SER A 45 -16.05 -21.12 -30.48
CA SER A 45 -15.04 -20.26 -31.08
C SER A 45 -14.83 -19.04 -30.21
N LEU A 46 -13.59 -18.56 -30.18
CA LEU A 46 -13.25 -17.33 -29.46
C LEU A 46 -13.25 -16.18 -30.45
N PRO A 47 -14.03 -15.13 -30.22
CA PRO A 47 -14.15 -14.07 -31.21
C PRO A 47 -12.88 -13.22 -31.31
N SER A 48 -12.63 -12.72 -32.52
CA SER A 48 -11.52 -11.81 -32.74
C SER A 48 -11.90 -10.40 -32.27
N LEU A 49 -10.92 -9.50 -32.34
CA LEU A 49 -11.15 -8.14 -31.85
C LEU A 49 -12.11 -7.38 -32.74
N ASP A 50 -12.00 -7.55 -34.07
CA ASP A 50 -12.91 -6.85 -34.98
C ASP A 50 -14.35 -7.30 -34.81
N ARG A 51 -14.56 -8.60 -34.60
CA ARG A 51 -15.92 -9.09 -34.40
C ARG A 51 -16.41 -8.80 -32.98
N LEU A 52 -15.53 -8.82 -31.99
CA LEU A 52 -15.93 -8.42 -30.64
C LEU A 52 -16.30 -6.94 -30.59
N SER A 53 -15.64 -6.11 -31.40
CA SER A 53 -15.99 -4.69 -31.45
C SER A 53 -17.37 -4.49 -32.05
N TYR A 54 -17.73 -5.28 -33.07
CA TYR A 54 -19.06 -5.18 -33.66
C TYR A 54 -20.13 -5.65 -32.68
N ILE A 55 -19.85 -6.72 -31.94
CA ILE A 55 -20.83 -7.22 -30.97
C ILE A 55 -21.07 -6.21 -29.87
N ALA A 56 -20.00 -5.55 -29.40
CA ALA A 56 -20.16 -4.53 -28.38
C ALA A 56 -20.93 -3.33 -28.91
N LYS A 57 -20.64 -2.91 -30.15
CA LYS A 57 -21.31 -1.76 -30.73
C LYS A 57 -22.82 -1.99 -30.87
N ARG A 58 -23.21 -3.19 -31.31
CA ARG A 58 -24.63 -3.49 -31.46
C ARG A 58 -25.33 -3.55 -30.11
N LEU A 59 -24.63 -3.94 -29.05
CA LEU A 59 -25.22 -4.05 -27.73
C LEU A 59 -25.14 -2.76 -26.93
N GLY A 60 -24.68 -1.67 -27.55
CA GLY A 60 -24.56 -0.41 -26.85
C GLY A 60 -23.42 -0.32 -25.86
N LYS A 61 -22.57 -1.35 -25.76
CA LYS A 61 -21.45 -1.38 -24.85
C LYS A 61 -20.16 -1.05 -25.58
N SER A 62 -19.14 -0.69 -24.81
CA SER A 62 -17.80 -0.63 -25.38
C SER A 62 -17.16 -2.01 -25.31
N MET A 63 -16.18 -2.24 -26.19
CA MET A 63 -15.47 -3.51 -26.20
C MET A 63 -14.86 -3.82 -24.83
N THR A 64 -14.45 -2.77 -24.11
CA THR A 64 -13.95 -2.97 -22.75
C THR A 64 -15.02 -3.58 -21.85
N GLU A 65 -16.27 -3.12 -21.97
CA GLU A 65 -17.32 -3.59 -21.07
C GLU A 65 -17.65 -5.06 -21.29
N LEU A 66 -17.47 -5.56 -22.51
CA LEU A 66 -17.71 -6.98 -22.76
C LEU A 66 -16.61 -7.86 -22.16
N LEU A 67 -15.41 -7.32 -21.96
CA LEU A 67 -14.34 -8.05 -21.30
C LEU A 67 -13.82 -7.30 -20.08
N ASP A 68 -14.68 -6.51 -19.44
CA ASP A 68 -14.30 -5.77 -18.24
C ASP A 68 -14.07 -6.68 -17.04
N GLN A 69 -14.18 -7.99 -17.21
CA GLN A 69 -13.84 -8.93 -16.16
C GLN A 69 -12.41 -8.73 -15.72
N ASP A 70 -12.19 -8.76 -14.40
CA ASP A 70 -10.85 -8.68 -13.84
C ASP A 70 -10.24 -10.09 -13.81
N ASN A 71 -9.94 -10.58 -15.01
CA ASN A 71 -9.35 -11.89 -15.18
C ASN A 71 -7.82 -11.80 -15.13
N ILE A 72 -7.19 -12.91 -14.76
CA ILE A 72 -5.75 -12.97 -14.50
C ILE A 72 -5.39 -11.87 -13.51
N THR A 73 -6.16 -11.78 -12.43
CA THR A 73 -5.83 -10.88 -11.34
C THR A 73 -5.01 -11.63 -10.31
N ILE A 74 -3.98 -10.97 -9.79
CA ILE A 74 -3.12 -11.60 -8.79
C ILE A 74 -3.94 -11.86 -7.52
N PRO A 75 -3.93 -13.08 -6.99
CA PRO A 75 -4.72 -13.36 -5.78
C PRO A 75 -4.29 -12.48 -4.62
N ASP A 76 -5.24 -12.29 -3.69
CA ASP A 76 -4.95 -11.47 -2.51
C ASP A 76 -3.85 -12.08 -1.65
N GLU A 77 -3.71 -13.42 -1.68
CA GLU A 77 -2.71 -14.07 -0.86
C GLU A 77 -1.30 -13.66 -1.26
N TYR A 78 -1.06 -13.39 -2.55
CA TYR A 78 0.25 -12.95 -2.98
C TYR A 78 0.60 -11.60 -2.35
N TYR A 79 -0.30 -10.62 -2.46
CA TYR A 79 -0.04 -9.31 -1.87
C TYR A 79 0.10 -9.38 -0.37
N GLU A 80 -0.60 -10.31 0.29
CA GLU A 80 -0.43 -10.51 1.71
C GLU A 80 0.95 -11.08 2.02
N MET A 81 1.37 -12.09 1.26
CA MET A 81 2.71 -12.64 1.44
C MET A 81 3.78 -11.65 0.97
N LYS A 82 3.48 -10.87 -0.08
CA LYS A 82 4.42 -9.85 -0.53
C LYS A 82 4.53 -8.73 0.50
N ASN A 83 3.42 -8.41 1.17
CA ASN A 83 3.46 -7.39 2.22
C ASN A 83 4.39 -7.78 3.34
N ARG A 84 4.44 -9.07 3.68
CA ARG A 84 5.34 -9.54 4.73
C ARG A 84 6.79 -9.46 4.29
N LEU A 85 7.06 -9.59 2.99
CA LEU A 85 8.44 -9.54 2.49
C LEU A 85 8.98 -8.12 2.45
N ILE A 86 8.15 -7.16 2.05
CA ILE A 86 8.61 -5.80 1.83
C ILE A 86 8.64 -5.00 3.14
N LYS A 87 7.68 -5.25 4.03
CA LYS A 87 7.34 -4.29 5.07
C LYS A 87 7.90 -4.63 6.45
N PHE A 88 8.48 -5.82 6.64
CA PHE A 88 8.98 -6.22 7.96
C PHE A 88 10.51 -6.29 7.93
N PRO A 89 11.20 -5.20 8.29
CA PRO A 89 12.65 -5.15 8.10
C PRO A 89 13.37 -6.18 8.96
N THR A 90 14.27 -6.93 8.33
CA THR A 90 15.05 -7.94 9.03
C THR A 90 16.22 -7.34 9.80
N TYR A 91 16.70 -6.17 9.39
CA TYR A 91 17.90 -5.56 9.98
C TYR A 91 19.08 -6.52 9.93
N ARG A 92 19.16 -7.29 8.84
CA ARG A 92 20.21 -8.27 8.61
C ARG A 92 20.27 -9.33 9.71
N ASN A 93 19.12 -9.64 10.30
CA ASN A 93 19.05 -10.70 11.29
C ASN A 93 19.05 -12.06 10.58
N PRO A 94 19.87 -13.01 11.02
CA PRO A 94 19.92 -14.31 10.32
C PRO A 94 18.61 -15.05 10.35
N ASP A 95 17.90 -15.04 11.48
CA ASP A 95 16.64 -15.77 11.58
C ASP A 95 15.53 -15.09 10.78
N ARG A 96 15.52 -13.76 10.72
CA ARG A 96 14.52 -13.06 9.93
C ARG A 96 14.82 -13.14 8.44
N ILE A 97 16.10 -13.13 8.06
CA ILE A 97 16.47 -13.27 6.65
C ILE A 97 16.07 -14.65 6.14
N LYS A 98 16.41 -15.70 6.89
CA LYS A 98 16.05 -17.05 6.48
C LYS A 98 14.55 -17.23 6.41
N SER A 99 13.80 -16.56 7.28
CA SER A 99 12.34 -16.66 7.25
C SER A 99 11.78 -16.05 5.97
N LYS A 100 12.30 -14.89 5.56
CA LYS A 100 11.84 -14.28 4.32
C LYS A 100 12.30 -15.07 3.11
N LEU A 101 13.52 -15.62 3.17
CA LEU A 101 13.97 -16.52 2.10
C LEU A 101 13.07 -17.74 2.00
N THR A 102 12.54 -18.21 3.14
CA THR A 102 11.56 -19.29 3.09
C THR A 102 10.25 -18.80 2.49
N LEU A 103 9.83 -17.59 2.82
CA LEU A 103 8.57 -17.06 2.30
C LEU A 103 8.64 -16.83 0.80
N ILE A 104 9.81 -16.40 0.29
CA ILE A 104 9.98 -16.22 -1.14
C ILE A 104 9.83 -17.55 -1.86
N GLU A 105 10.40 -18.62 -1.30
CA GLU A 105 10.27 -19.94 -1.90
C GLU A 105 8.81 -20.37 -1.96
N GLU A 106 8.04 -20.05 -0.91
CA GLU A 106 6.62 -20.39 -0.91
C GLU A 106 5.85 -19.53 -1.92
N VAL A 107 6.18 -18.23 -2.00
CA VAL A 107 5.52 -17.36 -2.95
C VAL A 107 5.78 -17.82 -4.38
N TYR A 108 7.03 -18.17 -4.68
CA TYR A 108 7.39 -18.53 -6.05
C TYR A 108 6.70 -19.82 -6.49
N GLU A 109 6.56 -20.79 -5.58
CA GLU A 109 5.95 -22.06 -5.95
C GLU A 109 4.47 -21.90 -6.26
N LYS A 110 3.77 -21.04 -5.51
CA LYS A 110 2.32 -20.96 -5.64
C LYS A 110 1.86 -20.06 -6.77
N PHE A 111 2.65 -19.04 -7.13
CA PHE A 111 2.17 -18.01 -8.05
C PHE A 111 3.08 -17.77 -9.25
N PHE A 112 4.08 -18.63 -9.49
CA PHE A 112 5.01 -18.39 -10.58
C PHE A 112 4.30 -18.31 -11.93
N ASP A 113 3.33 -19.20 -12.16
CA ASP A 113 2.67 -19.26 -13.46
C ASP A 113 1.78 -18.06 -13.73
N ILE A 114 1.44 -17.28 -12.69
CA ILE A 114 0.51 -16.18 -12.84
C ILE A 114 1.15 -14.82 -12.61
N LEU A 115 2.30 -14.75 -11.94
CA LEU A 115 2.90 -13.46 -11.60
C LEU A 115 3.44 -12.78 -12.85
N PRO A 116 3.33 -11.46 -12.95
CA PRO A 116 3.94 -10.74 -14.06
C PRO A 116 5.45 -10.76 -13.97
N GLU A 117 6.10 -10.30 -15.05
CA GLU A 117 7.55 -10.32 -15.10
C GLU A 117 8.16 -9.40 -14.05
N GLU A 118 7.52 -8.25 -13.80
CA GLU A 118 8.08 -7.29 -12.84
C GLU A 118 7.96 -7.81 -11.41
N GLU A 119 6.89 -8.54 -11.09
CA GLU A 119 6.78 -9.13 -9.76
C GLU A 119 7.80 -10.25 -9.58
N LEU A 120 7.98 -11.08 -10.60
CA LEU A 120 9.01 -12.11 -10.54
C LEU A 120 10.40 -11.50 -10.40
N LEU A 121 10.64 -10.39 -11.10
CA LEU A 121 11.94 -9.72 -11.00
C LEU A 121 12.13 -9.13 -9.60
N THR A 122 11.06 -8.56 -9.03
CA THR A 122 11.14 -8.04 -7.68
C THR A 122 11.49 -9.14 -6.68
N LEU A 123 10.83 -10.29 -6.80
CA LEU A 123 11.13 -11.41 -5.92
C LEU A 123 12.56 -11.90 -6.08
N ASP A 124 13.08 -11.89 -7.31
CA ASP A 124 14.42 -12.41 -7.55
C ASP A 124 15.48 -11.49 -6.98
N ILE A 125 15.36 -10.18 -7.22
CA ILE A 125 16.30 -9.23 -6.64
C ILE A 125 16.21 -9.25 -5.12
N LEU A 126 15.00 -9.32 -4.58
CA LEU A 126 14.83 -9.38 -3.14
C LEU A 126 15.46 -10.64 -2.56
N GLU A 127 15.43 -11.75 -3.31
CA GLU A 127 16.04 -12.98 -2.84
C GLU A 127 17.55 -12.85 -2.75
N ASN A 128 18.17 -12.13 -3.70
CA ASN A 128 19.61 -11.94 -3.67
C ASN A 128 20.02 -10.96 -2.59
N ILE A 129 19.22 -9.89 -2.38
CA ILE A 129 19.52 -8.94 -1.32
C ILE A 129 19.47 -9.61 0.04
N LEU A 130 18.45 -10.45 0.25
CA LEU A 130 18.34 -11.16 1.53
C LEU A 130 19.45 -12.18 1.69
N SER A 131 19.70 -12.99 0.66
CA SER A 131 20.72 -14.03 0.73
C SER A 131 22.14 -13.48 0.58
N PHE A 132 22.29 -12.17 0.44
CA PHE A 132 23.62 -11.59 0.35
C PHE A 132 24.39 -11.80 1.65
N THR A 133 25.67 -12.13 1.52
CA THR A 133 26.54 -12.35 2.68
C THR A 133 27.75 -11.44 2.67
N SER A 134 28.58 -11.50 1.63
CA SER A 134 29.74 -10.62 1.50
C SER A 134 30.09 -10.49 0.02
N TRP A 135 30.79 -9.41 -0.31
CA TRP A 135 31.09 -9.13 -1.71
C TRP A 135 32.00 -10.19 -2.32
N GLU A 136 32.78 -10.89 -1.50
CA GLU A 136 33.64 -11.94 -2.03
C GLU A 136 32.87 -13.22 -2.31
N GLU A 137 31.89 -13.55 -1.47
CA GLU A 137 31.13 -14.77 -1.64
C GLU A 137 29.81 -14.57 -2.38
N SER A 138 29.41 -13.32 -2.64
CA SER A 138 28.17 -13.10 -3.38
C SER A 138 28.46 -12.53 -4.76
N PRO A 139 27.70 -12.93 -5.78
CA PRO A 139 27.99 -12.47 -7.14
C PRO A 139 27.79 -10.97 -7.29
N LYS A 140 28.62 -10.37 -8.14
CA LYS A 140 28.52 -8.94 -8.41
C LYS A 140 27.20 -8.63 -9.13
N VAL A 141 26.81 -7.35 -9.05
CA VAL A 141 25.58 -6.93 -9.70
C VAL A 141 25.71 -7.03 -11.22
N GLU A 142 26.93 -6.89 -11.74
CA GLU A 142 27.16 -7.04 -13.17
C GLU A 142 27.25 -8.49 -13.61
N GLU A 143 27.02 -9.45 -12.71
CA GLU A 143 27.02 -10.86 -13.05
C GLU A 143 25.62 -11.43 -13.18
N ILE A 144 24.77 -11.23 -12.16
CA ILE A 144 23.41 -11.75 -12.21
C ILE A 144 22.44 -10.80 -12.89
N TYR A 145 22.77 -9.50 -12.98
CA TYR A 145 21.94 -8.51 -13.65
C TYR A 145 22.83 -7.65 -14.54
N GLU A 146 23.33 -8.26 -15.61
CA GLU A 146 24.25 -7.56 -16.51
C GLU A 146 23.54 -6.47 -17.29
N ASP A 147 22.60 -6.86 -18.16
CA ASP A 147 21.90 -5.88 -18.99
C ASP A 147 21.05 -4.94 -18.15
N LEU A 148 20.47 -5.46 -17.06
CA LEU A 148 19.58 -4.66 -16.23
C LEU A 148 20.35 -3.52 -15.56
N PHE A 149 21.49 -3.83 -14.94
CA PHE A 149 22.24 -2.81 -14.24
C PHE A 149 22.89 -1.81 -15.19
N GLU A 150 23.18 -2.23 -16.42
CA GLU A 150 23.71 -1.30 -17.41
C GLU A 150 22.66 -0.27 -17.80
N GLN A 151 21.40 -0.68 -17.90
CA GLN A 151 20.32 0.26 -18.19
C GLN A 151 20.06 1.18 -17.00
N VAL A 152 20.23 0.68 -15.78
CA VAL A 152 20.04 1.52 -14.60
C VAL A 152 21.08 2.62 -14.54
N LYS A 153 22.30 2.35 -15.02
CA LYS A 153 23.35 3.36 -15.01
C LYS A 153 22.99 4.58 -15.86
N ARG A 154 22.02 4.44 -16.78
CA ARG A 154 21.65 5.53 -17.67
C ARG A 154 20.27 6.11 -17.40
N LYS A 155 19.44 5.44 -16.59
CA LYS A 155 18.09 5.93 -16.35
C LYS A 155 18.10 7.14 -15.44
N ARG A 156 17.09 8.00 -15.61
CA ARG A 156 16.86 9.16 -14.76
C ARG A 156 15.73 8.93 -13.76
N LYS A 157 14.66 8.28 -14.17
CA LYS A 157 13.53 7.96 -13.30
C LYS A 157 13.61 6.49 -12.92
N PHE A 158 13.92 6.22 -11.66
CA PHE A 158 14.08 4.85 -11.19
C PHE A 158 12.74 4.23 -10.84
N SER A 159 12.56 2.97 -11.26
CA SER A 159 11.39 2.21 -10.87
C SER A 159 11.70 1.43 -9.59
N THR A 160 10.73 0.62 -9.14
CA THR A 160 10.92 -0.16 -7.93
C THR A 160 12.03 -1.20 -8.12
N ASN A 161 11.99 -1.93 -9.22
CA ASN A 161 13.03 -2.93 -9.49
C ASN A 161 14.37 -2.28 -9.76
N ASP A 162 14.38 -1.08 -10.34
CA ASP A 162 15.63 -0.35 -10.52
C ASP A 162 16.25 0.03 -9.18
N LEU A 163 15.43 0.47 -8.23
CA LEU A 163 15.93 0.79 -6.89
C LEU A 163 16.37 -0.47 -6.16
N LEU A 164 15.76 -1.62 -6.47
CA LEU A 164 16.18 -2.87 -5.83
C LEU A 164 17.54 -3.31 -6.33
N VAL A 165 17.80 -3.16 -7.64
CA VAL A 165 19.12 -3.47 -8.18
C VAL A 165 20.17 -2.55 -7.56
N ILE A 166 19.84 -1.27 -7.40
CA ILE A 166 20.75 -0.32 -6.77
C ILE A 166 21.03 -0.72 -5.33
N ASP A 167 20.06 -1.31 -4.65
CA ASP A 167 20.28 -1.75 -3.28
C ASP A 167 21.29 -2.91 -3.23
N TYR A 168 21.15 -3.88 -4.13
CA TYR A 168 22.11 -4.97 -4.19
C TYR A 168 23.49 -4.45 -4.58
N TYR A 169 23.55 -3.51 -5.52
CA TYR A 169 24.82 -2.89 -5.89
C TYR A 169 25.45 -2.18 -4.69
N PHE A 170 24.62 -1.55 -3.86
CA PHE A 170 25.13 -0.96 -2.62
C PHE A 170 25.64 -2.03 -1.66
N PHE A 171 25.03 -3.21 -1.67
CA PHE A 171 25.49 -4.27 -0.78
C PHE A 171 26.88 -4.76 -1.17
N HIS A 172 27.17 -4.81 -2.46
CA HIS A 172 28.48 -5.24 -2.92
C HIS A 172 29.54 -4.16 -2.77
N LEU A 173 29.13 -2.88 -2.73
CA LEU A 173 30.10 -1.80 -2.56
C LEU A 173 30.65 -1.73 -1.15
N TYR A 174 29.88 -2.20 -0.16
CA TYR A 174 30.25 -1.98 1.23
C TYR A 174 31.48 -2.80 1.61
N GLY A 175 32.38 -2.17 2.37
CA GLY A 175 33.60 -2.82 2.78
C GLY A 175 34.59 -3.07 1.65
N ARG A 176 34.45 -2.36 0.53
CA ARG A 176 35.27 -2.61 -0.64
C ARG A 176 36.11 -1.38 -0.96
N LYS A 177 37.30 -1.62 -1.48
CA LYS A 177 38.20 -0.57 -1.94
C LYS A 177 38.38 -0.69 -3.45
N GLN A 178 38.82 0.42 -4.06
CA GLN A 178 39.03 0.52 -5.50
C GLN A 178 37.75 0.19 -6.27
N TYR A 179 36.71 0.96 -5.99
CA TYR A 179 35.45 0.90 -6.70
C TYR A 179 35.32 2.08 -7.66
N ASP A 180 34.34 2.00 -8.54
CA ASP A 180 34.05 3.10 -9.46
C ASP A 180 33.49 4.26 -8.66
N LYS A 181 34.33 5.25 -8.36
CA LYS A 181 33.90 6.36 -7.51
C LYS A 181 32.91 7.25 -8.23
N LYS A 182 33.21 7.61 -9.49
CA LYS A 182 32.34 8.54 -10.21
C LYS A 182 30.96 7.96 -10.46
N LEU A 183 30.86 6.64 -10.67
CA LEU A 183 29.55 6.01 -10.82
C LEU A 183 28.76 6.06 -9.52
N PHE A 184 29.44 5.91 -8.39
CA PHE A 184 28.76 5.93 -7.09
C PHE A 184 28.17 7.31 -6.80
N GLU A 185 28.93 8.37 -7.07
CA GLU A 185 28.43 9.71 -6.83
C GLU A 185 27.29 10.06 -7.77
N ARG A 186 27.28 9.48 -8.97
CA ARG A 186 26.25 9.82 -9.95
C ARG A 186 24.90 9.23 -9.56
N ILE A 187 24.88 7.96 -9.15
CA ILE A 187 23.61 7.34 -8.79
C ILE A 187 23.11 7.87 -7.44
N ILE A 188 24.02 8.34 -6.58
CA ILE A 188 23.60 9.02 -5.36
C ILE A 188 22.76 10.25 -5.71
N LYS A 189 23.24 11.04 -6.66
CA LYS A 189 22.49 12.21 -7.11
C LYS A 189 21.14 11.81 -7.69
N ARG A 190 21.08 10.69 -8.40
CA ARG A 190 19.82 10.27 -9.01
C ARG A 190 18.87 9.64 -8.01
N VAL A 191 19.40 8.97 -6.99
CA VAL A 191 18.54 8.46 -5.91
C VAL A 191 17.93 9.62 -5.13
N LEU A 192 18.73 10.65 -4.86
CA LEU A 192 18.24 11.84 -4.17
C LEU A 192 17.34 12.71 -5.05
N ASN A 193 17.15 12.34 -6.31
CA ASN A 193 16.31 13.10 -7.23
C ASN A 193 14.96 12.43 -7.47
N GLN A 194 14.73 11.24 -6.93
CA GLN A 194 13.51 10.51 -7.19
C GLN A 194 12.32 11.15 -6.47
N GLU A 195 11.17 11.11 -7.13
CA GLU A 195 9.94 11.64 -6.55
C GLU A 195 9.35 10.64 -5.57
N ILE A 196 8.81 11.16 -4.47
CA ILE A 196 8.22 10.35 -3.41
C ILE A 196 6.71 10.37 -3.61
N TRP A 197 6.15 9.27 -4.13
CA TRP A 197 4.71 9.17 -4.29
C TRP A 197 4.11 8.26 -3.22
N THR A 198 2.97 7.63 -3.52
CA THR A 198 2.23 6.86 -2.53
C THR A 198 2.31 5.37 -2.75
N ASP A 199 3.36 4.89 -3.42
CA ASP A 199 3.61 3.46 -3.54
C ASP A 199 4.56 3.06 -2.41
N ASP A 200 3.99 2.45 -1.36
CA ASP A 200 4.78 2.13 -0.18
C ASP A 200 5.91 1.15 -0.50
N VAL A 201 5.68 0.22 -1.42
CA VAL A 201 6.75 -0.68 -1.85
C VAL A 201 7.92 0.12 -2.42
N TYR A 202 7.61 1.13 -3.25
CA TYR A 202 8.64 1.98 -3.81
C TYR A 202 9.35 2.78 -2.72
N ASN A 203 8.57 3.41 -1.83
CA ASN A 203 9.15 4.27 -0.80
C ASN A 203 9.98 3.47 0.21
N ILE A 204 9.58 2.23 0.51
CA ILE A 204 10.36 1.40 1.42
C ILE A 204 11.70 1.05 0.79
N VAL A 205 11.69 0.65 -0.49
CA VAL A 205 12.93 0.35 -1.19
C VAL A 205 13.77 1.61 -1.36
N LEU A 206 13.10 2.75 -1.66
CA LEU A 206 13.82 4.02 -1.74
C LEU A 206 14.46 4.35 -0.40
N PHE A 207 13.76 4.11 0.70
CA PHE A 207 14.33 4.32 2.03
C PHE A 207 15.52 3.40 2.27
N ASN A 208 15.49 2.19 1.72
CA ASN A 208 16.62 1.28 1.88
C ASN A 208 17.86 1.81 1.17
N ASP A 209 17.70 2.31 -0.06
CA ASP A 209 18.84 2.88 -0.77
C ASP A 209 19.42 4.07 -0.02
N LEU A 210 18.55 4.89 0.59
CA LEU A 210 19.04 6.03 1.36
C LEU A 210 19.82 5.58 2.59
N MET A 211 19.37 4.49 3.23
CA MET A 211 20.12 3.94 4.36
C MET A 211 21.46 3.38 3.90
N ALA A 212 21.49 2.78 2.71
CA ALA A 212 22.73 2.20 2.21
C ALA A 212 23.73 3.29 1.83
N ILE A 213 23.26 4.40 1.29
CA ILE A 213 24.15 5.50 0.92
C ILE A 213 24.81 6.08 2.16
N ALA A 214 24.02 6.33 3.21
CA ALA A 214 24.57 6.88 4.44
C ALA A 214 25.57 5.92 5.08
N ALA A 215 25.25 4.62 5.09
CA ALA A 215 26.18 3.65 5.63
C ALA A 215 27.46 3.58 4.80
N LEU A 216 27.36 3.80 3.50
CA LEU A 216 28.56 3.85 2.67
C LEU A 216 29.35 5.13 2.91
N LYS A 217 28.64 6.25 3.08
CA LYS A 217 29.31 7.51 3.38
C LYS A 217 30.03 7.43 4.72
N ILE A 218 29.45 6.73 5.69
CA ILE A 218 30.10 6.54 6.98
C ILE A 218 31.35 5.69 6.83
N PHE A 219 31.27 4.62 6.04
CA PHE A 219 32.44 3.78 5.81
C PHE A 219 33.52 4.52 5.02
N HIS A 220 33.11 5.39 4.10
CA HIS A 220 34.05 6.18 3.31
C HIS A 220 34.55 7.41 4.05
N ASN A 221 33.96 7.74 5.19
CA ASN A 221 34.28 8.97 5.93
C ASN A 221 34.13 10.20 5.05
N SER A 222 33.07 10.22 4.26
CA SER A 222 32.72 11.35 3.40
C SER A 222 31.31 11.80 3.75
N PHE A 223 31.20 12.91 4.47
CA PHE A 223 29.92 13.38 4.98
C PHE A 223 29.35 14.54 4.16
N SER A 224 29.81 14.70 2.92
CA SER A 224 29.20 15.69 2.03
C SER A 224 27.82 15.22 1.62
N ASP A 225 26.83 16.11 1.74
CA ASP A 225 25.43 15.82 1.44
C ASP A 225 24.86 14.70 2.31
N PHE A 226 25.49 14.42 3.46
CA PHE A 226 24.98 13.39 4.35
C PHE A 226 23.63 13.80 4.93
N LEU A 227 23.51 15.04 5.39
CA LEU A 227 22.24 15.52 5.92
C LEU A 227 21.17 15.63 4.84
N THR A 228 21.56 15.81 3.58
CA THR A 228 20.59 15.76 2.50
C THR A 228 19.98 14.37 2.36
N VAL A 229 20.80 13.34 2.51
CA VAL A 229 20.30 11.96 2.49
C VAL A 229 19.40 11.72 3.70
N VAL A 230 19.72 12.35 4.84
CA VAL A 230 18.90 12.19 6.03
C VAL A 230 17.53 12.83 5.85
N ASP A 231 17.49 14.02 5.25
CA ASP A 231 16.22 14.73 5.10
C ASP A 231 15.28 14.01 4.14
N LYS A 232 15.81 13.50 3.03
CA LYS A 232 14.96 12.73 2.11
C LYS A 232 14.49 11.44 2.75
N ALA A 233 15.29 10.85 3.64
CA ALA A 233 14.85 9.68 4.37
C ALA A 233 13.68 10.00 5.29
N LEU A 234 13.74 11.15 5.96
CA LEU A 234 12.62 11.58 6.79
C LEU A 234 11.41 11.97 5.94
N ALA A 235 11.64 12.44 4.72
CA ALA A 235 10.52 12.77 3.83
C ALA A 235 9.75 11.53 3.42
N VAL A 236 10.46 10.41 3.23
CA VAL A 236 9.78 9.15 2.93
C VAL A 236 8.94 8.70 4.12
N ILE A 237 9.49 8.84 5.34
CA ILE A 237 8.77 8.41 6.53
C ILE A 237 7.53 9.26 6.75
N GLU A 238 7.67 10.58 6.61
CA GLU A 238 6.56 11.47 6.91
C GLU A 238 5.48 11.43 5.83
N LYS A 239 5.86 11.20 4.57
CA LYS A 239 4.86 11.14 3.51
C LYS A 239 4.08 9.83 3.56
N SER A 240 4.75 8.73 3.86
CA SER A 240 4.10 7.42 3.93
C SER A 240 3.62 7.07 5.33
N GLN A 241 4.04 7.82 6.35
CA GLN A 241 3.70 7.54 7.75
C GLN A 241 4.09 6.11 8.13
N LEU A 242 5.28 5.69 7.70
CA LEU A 242 5.84 4.40 8.06
C LEU A 242 6.97 4.64 9.04
N TYR A 243 6.60 4.90 10.30
CA TYR A 243 7.56 5.20 11.35
C TYR A 243 8.28 3.97 11.87
N SER A 244 8.03 2.80 11.29
CA SER A 244 8.78 1.60 11.64
C SER A 244 10.24 1.69 11.25
N TYR A 245 10.61 2.67 10.43
CA TYR A 245 11.98 2.83 9.96
C TYR A 245 12.67 4.05 10.53
N LYS A 246 12.01 4.81 11.41
CA LYS A 246 12.58 6.02 12.00
C LYS A 246 13.75 5.75 12.93
N PRO A 247 13.78 4.64 13.69
CA PRO A 247 14.98 4.36 14.49
C PRO A 247 16.27 4.33 13.69
N SER A 248 16.23 3.86 12.45
CA SER A 248 17.44 3.85 11.63
C SER A 248 17.93 5.27 11.33
N VAL A 249 17.01 6.21 11.18
CA VAL A 249 17.41 7.59 10.90
C VAL A 249 18.11 8.20 12.10
N PHE A 250 17.60 7.94 13.31
CA PHE A 250 18.24 8.46 14.51
C PHE A 250 19.65 7.91 14.69
N VAL A 251 19.89 6.67 14.23
CA VAL A 251 21.23 6.11 14.28
C VAL A 251 22.15 6.85 13.32
N LEU A 252 21.63 7.24 12.16
CA LEU A 252 22.43 8.00 11.20
C LEU A 252 22.82 9.36 11.76
N LYS A 253 21.85 10.07 12.36
CA LYS A 253 22.14 11.38 12.94
C LYS A 253 23.13 11.26 14.09
N ALA A 254 23.09 10.14 14.83
CA ALA A 254 24.07 9.92 15.89
C ALA A 254 25.46 9.69 15.32
N LYS A 255 25.57 8.82 14.31
CA LYS A 255 26.86 8.59 13.68
C LYS A 255 27.37 9.83 12.95
N TYR A 256 26.46 10.71 12.52
CA TYR A 256 26.89 11.97 11.93
C TYR A 256 27.51 12.89 12.98
N GLU A 257 26.92 12.93 14.18
CA GLU A 257 27.47 13.75 15.25
C GLU A 257 28.77 13.19 15.78
N LEU A 258 28.97 11.87 15.68
CA LEU A 258 30.14 11.24 16.27
C LEU A 258 31.36 11.33 15.35
N LEU A 259 31.16 11.21 14.04
CA LEU A 259 32.26 11.11 13.10
C LEU A 259 32.52 12.38 12.30
N HIS A 260 31.52 13.24 12.13
CA HIS A 260 31.70 14.50 11.40
C HIS A 260 31.77 15.71 12.31
N LYS A 261 30.88 15.80 13.30
CA LYS A 261 30.87 16.91 14.24
C LYS A 261 31.77 16.67 15.44
N GLU A 262 32.25 15.44 15.64
CA GLU A 262 33.07 15.08 16.80
C GLU A 262 32.36 15.43 18.11
N ASN A 263 31.05 15.17 18.15
CA ASN A 263 30.20 15.52 19.29
C ASN A 263 29.64 14.22 19.86
N LYS A 264 30.34 13.65 20.85
CA LYS A 264 29.87 12.42 21.47
C LYS A 264 28.64 12.64 22.34
N LYS A 265 28.37 13.88 22.74
CA LYS A 265 27.18 14.16 23.55
C LYS A 265 25.92 14.02 22.71
N GLU A 266 25.87 14.66 21.55
CA GLU A 266 24.71 14.54 20.68
C GLU A 266 24.63 13.14 20.06
N ALA A 267 25.78 12.50 19.84
CA ALA A 267 25.75 11.14 19.30
C ALA A 267 25.11 10.17 20.27
N ALA A 268 25.41 10.29 21.57
CA ALA A 268 24.77 9.45 22.56
C ALA A 268 23.32 9.84 22.80
N GLU A 269 22.93 11.07 22.45
CA GLU A 269 21.56 11.50 22.64
C GLU A 269 20.65 11.01 21.52
N ASN A 270 21.11 11.11 20.27
CA ASN A 270 20.33 10.57 19.16
C ASN A 270 20.24 9.05 19.24
N TYR A 271 21.28 8.40 19.77
CA TYR A 271 21.21 6.95 20.00
C TYR A 271 20.09 6.60 20.97
N ASP A 272 19.97 7.37 22.06
CA ASP A 272 18.92 7.11 23.03
C ASP A 272 17.54 7.32 22.41
N LYS A 273 17.41 8.29 21.53
CA LYS A 273 16.13 8.49 20.83
C LYS A 273 15.80 7.28 19.97
N ALA A 274 16.81 6.65 19.36
CA ALA A 274 16.56 5.46 18.55
C ALA A 274 16.19 4.27 19.44
N ILE A 275 16.79 4.18 20.63
CA ILE A 275 16.51 3.05 21.52
C ILE A 275 15.09 3.14 22.08
N VAL A 276 14.68 4.34 22.49
CA VAL A 276 13.33 4.50 23.03
C VAL A 276 12.29 4.39 21.92
N PHE A 277 12.68 4.71 20.67
CA PHE A 277 11.76 4.55 19.56
C PHE A 277 11.59 3.07 19.20
N ALA A 278 12.69 2.31 19.24
CA ALA A 278 12.60 0.88 18.98
C ALA A 278 11.89 0.14 20.11
N SER A 279 12.06 0.61 21.34
CA SER A 279 11.35 -0.01 22.46
C SER A 279 9.86 0.28 22.41
N VAL A 280 9.49 1.50 22.01
CA VAL A 280 8.08 1.84 21.88
C VAL A 280 7.45 1.16 20.69
N LEU A 281 8.25 0.76 19.69
CA LEU A 281 7.77 -0.07 18.60
C LEU A 281 7.76 -1.55 18.95
N GLU A 282 8.36 -1.92 20.08
CA GLU A 282 8.41 -3.31 20.55
C GLU A 282 9.09 -4.22 19.52
N ASP A 283 10.29 -3.84 19.11
CA ASP A 283 11.14 -4.63 18.22
C ASP A 283 12.37 -5.03 19.02
N SER A 284 12.39 -6.28 19.51
CA SER A 284 13.50 -6.73 20.33
C SER A 284 14.80 -6.78 19.55
N VAL A 285 14.74 -7.26 18.30
CA VAL A 285 15.96 -7.37 17.50
C VAL A 285 16.51 -5.99 17.15
N LEU A 286 15.63 -5.02 16.92
CA LEU A 286 16.08 -3.68 16.56
C LEU A 286 16.69 -2.96 17.75
N GLU A 287 16.03 -3.01 18.90
CA GLU A 287 16.55 -2.32 20.07
C GLU A 287 17.87 -2.93 20.55
N GLU A 288 17.94 -4.25 20.58
CA GLU A 288 19.19 -4.91 20.98
C GLU A 288 20.31 -4.65 19.99
N SER A 289 19.97 -4.40 18.72
CA SER A 289 20.99 -4.07 17.73
C SER A 289 21.47 -2.64 17.91
N ILE A 290 20.57 -1.69 18.15
CA ILE A 290 20.97 -0.30 18.35
C ILE A 290 21.74 -0.15 19.65
N LYS A 291 21.31 -0.87 20.71
CA LYS A 291 22.04 -0.81 21.97
C LYS A 291 23.43 -1.42 21.86
N ALA A 292 23.60 -2.39 20.95
CA ALA A 292 24.93 -2.93 20.72
C ALA A 292 25.80 -1.96 19.91
N GLY A 293 25.18 -1.19 19.02
CA GLY A 293 25.94 -0.21 18.25
C GLY A 293 26.42 0.94 19.11
N LYS A 294 25.57 1.42 20.02
CA LYS A 294 25.99 2.48 20.94
C LYS A 294 27.11 2.01 21.85
N LEU A 295 27.03 0.77 22.33
CA LEU A 295 28.10 0.25 23.18
C LEU A 295 29.39 0.03 22.40
N ALA A 296 29.28 -0.23 21.10
CA ALA A 296 30.48 -0.43 20.28
C ALA A 296 31.15 0.88 19.92
N ASP A 297 30.38 1.96 19.74
CA ASP A 297 30.93 3.27 19.45
C ASP A 297 31.51 3.96 20.68
N GLY A 298 31.46 3.32 21.84
CA GLY A 298 32.00 3.92 23.04
C GLY A 298 31.09 4.90 23.73
N LEU A 299 29.79 4.59 23.81
CA LEU A 299 28.81 5.47 24.44
C LEU A 299 27.91 4.65 25.35
N GLY A 300 27.45 5.28 26.43
CA GLY A 300 26.55 4.65 27.37
C GLY A 300 27.07 3.36 27.98
N SER B 6 -2.87 1.03 -32.76
CA SER B 6 -2.54 1.41 -31.38
C SER B 6 -2.39 0.19 -30.49
N ILE B 7 -3.16 -0.87 -30.78
CA ILE B 7 -3.12 -2.08 -29.97
C ILE B 7 -1.72 -2.68 -29.98
N GLY B 8 -1.07 -2.70 -31.14
CA GLY B 8 0.31 -3.15 -31.20
C GLY B 8 1.28 -2.14 -30.67
N LEU B 9 0.92 -0.85 -30.72
CA LEU B 9 1.80 0.19 -30.22
C LEU B 9 1.78 0.30 -28.70
N ARG B 10 0.62 0.07 -28.09
CA ARG B 10 0.53 0.10 -26.63
C ARG B 10 1.27 -1.07 -26.01
N ILE B 11 1.23 -2.24 -26.66
CA ILE B 11 1.99 -3.38 -26.18
C ILE B 11 3.49 -3.10 -26.30
N LYS B 12 3.92 -2.60 -27.46
CA LYS B 12 5.33 -2.32 -27.67
C LYS B 12 5.83 -1.23 -26.74
N THR B 13 5.01 -0.19 -26.51
CA THR B 13 5.43 0.90 -25.62
C THR B 13 5.57 0.41 -24.19
N GLU B 14 4.62 -0.40 -23.71
CA GLU B 14 4.69 -0.91 -22.35
C GLU B 14 5.80 -1.94 -22.20
N ARG B 15 6.05 -2.73 -23.25
CA ARG B 15 7.13 -3.72 -23.19
C ARG B 15 8.48 -3.04 -23.07
N GLU B 16 8.70 -1.98 -23.85
CA GLU B 16 9.94 -1.22 -23.77
C GLU B 16 10.01 -0.34 -22.53
N ARG B 17 8.87 0.00 -21.93
CA ARG B 17 8.89 0.78 -20.69
C ARG B 17 9.53 -0.03 -19.57
N GLN B 18 9.23 -1.32 -19.50
CA GLN B 18 9.79 -2.20 -18.47
C GLN B 18 11.16 -2.75 -18.85
N GLN B 19 11.75 -2.26 -19.93
CA GLN B 19 13.03 -2.75 -20.44
C GLN B 19 13.00 -4.26 -20.65
N MET B 20 11.92 -4.72 -21.27
CA MET B 20 11.70 -6.13 -21.52
C MET B 20 11.89 -6.43 -23.00
N SER B 21 12.74 -7.42 -23.30
CA SER B 21 12.93 -7.85 -24.67
C SER B 21 11.79 -8.77 -25.09
N ARG B 22 11.65 -8.94 -26.40
CA ARG B 22 10.61 -9.82 -26.93
C ARG B 22 10.84 -11.27 -26.52
N GLU B 23 12.11 -11.66 -26.33
CA GLU B 23 12.41 -13.04 -25.95
C GLU B 23 11.94 -13.33 -24.52
N VAL B 24 12.19 -12.39 -23.60
CA VAL B 24 11.78 -12.58 -22.21
C VAL B 24 10.26 -12.62 -22.10
N LEU B 25 9.57 -11.78 -22.88
CA LEU B 25 8.11 -11.78 -22.86
C LEU B 25 7.55 -13.09 -23.39
N CYS B 26 8.17 -13.65 -24.43
CA CYS B 26 7.67 -14.86 -25.05
C CYS B 26 8.18 -16.14 -24.39
N LEU B 27 9.23 -16.05 -23.57
CA LEU B 27 9.77 -17.17 -22.79
C LEU B 27 10.13 -18.30 -23.74
N ASP B 28 9.56 -19.50 -23.59
CA ASP B 28 9.89 -20.65 -24.42
C ASP B 28 9.02 -20.74 -25.68
N GLY B 29 8.23 -19.72 -25.96
CA GLY B 29 7.36 -19.76 -27.11
C GLY B 29 6.21 -20.74 -27.03
N ALA B 30 5.99 -21.35 -25.86
CA ALA B 30 4.90 -22.31 -25.71
C ALA B 30 3.54 -21.66 -25.86
N GLU B 31 3.46 -20.34 -25.68
CA GLU B 31 2.20 -19.61 -25.82
C GLU B 31 2.26 -18.49 -26.85
N LEU B 32 3.45 -17.98 -27.18
CA LEU B 32 3.60 -16.93 -28.18
C LEU B 32 5.05 -16.89 -28.63
N THR B 33 5.26 -16.81 -29.94
CA THR B 33 6.61 -16.75 -30.48
C THR B 33 7.03 -15.30 -30.69
N VAL B 34 8.35 -15.07 -30.60
CA VAL B 34 8.89 -13.74 -30.85
C VAL B 34 8.55 -13.27 -32.26
N ARG B 35 8.43 -14.21 -33.20
CA ARG B 35 8.06 -13.87 -34.56
C ARG B 35 6.68 -13.21 -34.62
N GLN B 36 5.71 -13.79 -33.91
CA GLN B 36 4.37 -13.25 -33.92
C GLN B 36 4.23 -11.98 -33.08
N LEU B 37 5.03 -11.86 -32.01
CA LEU B 37 5.04 -10.62 -31.25
C LEU B 37 5.50 -9.44 -32.10
N ILE B 38 6.42 -9.69 -33.05
CA ILE B 38 6.84 -8.65 -33.98
C ILE B 38 5.68 -8.24 -34.88
N ARG B 39 4.93 -9.23 -35.39
CA ARG B 39 3.79 -8.92 -36.23
C ARG B 39 2.72 -8.17 -35.47
N ILE B 40 2.52 -8.51 -34.19
CA ILE B 40 1.49 -7.85 -33.40
C ILE B 40 1.88 -6.40 -33.12
N GLU B 41 3.12 -6.17 -32.71
CA GLU B 41 3.54 -4.81 -32.36
C GLU B 41 3.61 -3.91 -33.58
N LYS B 42 4.02 -4.45 -34.73
CA LYS B 42 4.06 -3.67 -35.96
C LYS B 42 2.68 -3.46 -36.57
N GLY B 43 1.66 -4.17 -36.10
CA GLY B 43 0.33 -4.05 -36.64
C GLY B 43 0.04 -4.91 -37.85
N GLU B 44 0.93 -5.85 -38.18
CA GLU B 44 0.71 -6.71 -39.34
C GLU B 44 -0.37 -7.75 -39.06
N SER B 45 -0.57 -8.11 -37.80
CA SER B 45 -1.60 -9.07 -37.42
C SER B 45 -2.32 -8.56 -36.18
N LEU B 46 -3.62 -8.80 -36.13
CA LEU B 46 -4.43 -8.41 -34.97
C LEU B 46 -4.35 -9.50 -33.92
N PRO B 47 -3.88 -9.21 -32.71
CA PRO B 47 -3.68 -10.28 -31.72
C PRO B 47 -5.01 -10.87 -31.26
N SER B 48 -5.09 -12.20 -31.26
CA SER B 48 -6.27 -12.87 -30.74
C SER B 48 -6.34 -12.69 -29.23
N LEU B 49 -7.52 -12.97 -28.68
CA LEU B 49 -7.72 -12.82 -27.24
C LEU B 49 -6.81 -13.76 -26.45
N ASP B 50 -6.45 -14.90 -27.03
CA ASP B 50 -5.56 -15.85 -26.34
C ASP B 50 -4.18 -15.24 -26.13
N ARG B 51 -3.55 -14.81 -27.23
CA ARG B 51 -2.19 -14.28 -27.13
C ARG B 51 -2.18 -12.94 -26.41
N LEU B 52 -3.18 -12.10 -26.65
CA LEU B 52 -3.27 -10.82 -25.93
C LEU B 52 -3.44 -11.04 -24.43
N SER B 53 -4.13 -12.12 -24.04
CA SER B 53 -4.26 -12.45 -22.63
C SER B 53 -2.91 -12.84 -22.04
N TYR B 54 -2.09 -13.55 -22.81
CA TYR B 54 -0.76 -13.90 -22.34
C TYR B 54 0.16 -12.69 -22.29
N ILE B 55 0.05 -11.79 -23.27
CA ILE B 55 0.86 -10.58 -23.27
C ILE B 55 0.51 -9.71 -22.06
N ALA B 56 -0.79 -9.61 -21.74
CA ALA B 56 -1.21 -8.83 -20.58
C ALA B 56 -0.64 -9.39 -19.29
N LYS B 57 -0.66 -10.72 -19.14
CA LYS B 57 -0.11 -11.35 -17.94
C LYS B 57 1.38 -11.08 -17.79
N ARG B 58 2.11 -11.10 -18.91
CA ARG B 58 3.56 -10.88 -18.85
C ARG B 58 3.90 -9.44 -18.50
N LEU B 59 3.10 -8.49 -19.00
CA LEU B 59 3.39 -7.08 -18.80
C LEU B 59 2.80 -6.51 -17.52
N GLY B 60 2.09 -7.31 -16.72
CA GLY B 60 1.50 -6.80 -15.51
C GLY B 60 0.31 -5.89 -15.71
N LYS B 61 -0.14 -5.73 -16.95
CA LYS B 61 -1.32 -4.94 -17.26
C LYS B 61 -2.51 -5.86 -17.55
N SER B 62 -3.70 -5.30 -17.43
CA SER B 62 -4.91 -6.03 -17.79
C SER B 62 -5.20 -5.85 -19.27
N MET B 63 -5.94 -6.81 -19.83
CA MET B 63 -6.36 -6.68 -21.23
C MET B 63 -7.19 -5.43 -21.45
N THR B 64 -7.99 -5.06 -20.45
CA THR B 64 -8.78 -3.84 -20.54
C THR B 64 -7.88 -2.62 -20.70
N GLU B 65 -6.79 -2.55 -19.93
CA GLU B 65 -5.86 -1.43 -20.07
C GLU B 65 -5.22 -1.39 -21.45
N LEU B 66 -5.06 -2.55 -22.10
CA LEU B 66 -4.29 -2.62 -23.32
C LEU B 66 -5.07 -2.15 -24.55
N LEU B 67 -6.38 -2.38 -24.60
CA LEU B 67 -7.15 -2.05 -25.80
C LEU B 67 -8.25 -1.04 -25.59
N ASP B 68 -8.47 -0.57 -24.36
CA ASP B 68 -9.53 0.41 -24.11
C ASP B 68 -9.18 1.72 -24.81
N GLN B 69 -9.98 2.08 -25.82
CA GLN B 69 -9.72 3.33 -26.54
C GLN B 69 -9.96 4.54 -25.66
N ASP B 70 -11.07 4.55 -24.92
CA ASP B 70 -11.40 5.63 -24.01
C ASP B 70 -10.76 5.47 -22.64
N ASN B 71 -9.67 4.71 -22.54
CA ASN B 71 -9.03 4.47 -21.26
C ASN B 71 -8.45 5.76 -20.71
N ILE B 72 -8.93 6.17 -19.54
CA ILE B 72 -8.40 7.32 -18.83
C ILE B 72 -7.59 6.80 -17.64
N THR B 73 -6.47 7.47 -17.37
CA THR B 73 -5.58 7.08 -16.29
C THR B 73 -5.61 8.14 -15.20
N ILE B 74 -5.82 7.69 -13.96
CA ILE B 74 -5.89 8.60 -12.82
C ILE B 74 -4.47 9.02 -12.46
N PRO B 75 -4.19 10.33 -12.44
CA PRO B 75 -2.81 10.77 -12.18
C PRO B 75 -2.38 10.49 -10.75
N ASP B 76 -1.06 10.49 -10.55
CA ASP B 76 -0.50 10.23 -9.23
C ASP B 76 -0.85 11.32 -8.24
N GLU B 77 -1.19 12.53 -8.71
CA GLU B 77 -1.51 13.62 -7.80
C GLU B 77 -2.78 13.33 -7.00
N TYR B 78 -3.74 12.61 -7.60
CA TYR B 78 -4.96 12.27 -6.89
C TYR B 78 -4.67 11.32 -5.72
N TYR B 79 -3.90 10.27 -5.98
CA TYR B 79 -3.57 9.33 -4.91
C TYR B 79 -2.66 9.96 -3.86
N GLU B 80 -1.87 10.95 -4.26
CA GLU B 80 -1.09 11.70 -3.27
C GLU B 80 -2.01 12.55 -2.39
N MET B 81 -3.03 13.17 -2.99
CA MET B 81 -4.01 13.91 -2.21
C MET B 81 -4.90 12.99 -1.40
N LYS B 82 -5.25 11.83 -1.98
CA LYS B 82 -6.03 10.84 -1.23
C LYS B 82 -5.23 10.28 -0.06
N ASN B 83 -3.91 10.15 -0.22
CA ASN B 83 -3.08 9.67 0.87
C ASN B 83 -3.08 10.65 2.04
N ARG B 84 -3.10 11.95 1.74
CA ARG B 84 -3.17 12.94 2.82
C ARG B 84 -4.54 12.98 3.47
N LEU B 85 -5.60 12.64 2.72
CA LEU B 85 -6.94 12.65 3.30
C LEU B 85 -7.19 11.45 4.19
N ILE B 86 -6.49 10.35 3.95
CA ILE B 86 -6.76 9.08 4.64
C ILE B 86 -5.78 8.85 5.79
N LYS B 87 -4.52 9.21 5.61
CA LYS B 87 -3.45 8.73 6.48
C LYS B 87 -3.02 9.71 7.56
N PHE B 88 -3.56 10.93 7.58
CA PHE B 88 -3.13 11.93 8.56
C PHE B 88 -4.28 12.23 9.51
N PRO B 89 -4.35 11.56 10.66
CA PRO B 89 -5.53 11.66 11.51
C PRO B 89 -5.74 13.07 12.05
N THR B 90 -6.95 13.59 11.85
CA THR B 90 -7.29 14.91 12.39
C THR B 90 -7.44 14.86 13.90
N TYR B 91 -7.81 13.71 14.45
CA TYR B 91 -8.15 13.56 15.86
C TYR B 91 -9.23 14.58 16.26
N ARG B 92 -10.15 14.82 15.33
CA ARG B 92 -11.25 15.77 15.48
C ARG B 92 -10.76 17.19 15.77
N ASN B 93 -9.51 17.49 15.42
CA ASN B 93 -9.02 18.85 15.57
C ASN B 93 -9.63 19.74 14.50
N PRO B 94 -10.22 20.88 14.88
CA PRO B 94 -10.92 21.71 13.87
C PRO B 94 -10.00 22.26 12.80
N ASP B 95 -8.72 22.50 13.10
CA ASP B 95 -7.80 22.98 12.08
C ASP B 95 -7.43 21.87 11.10
N ARG B 96 -7.21 20.66 11.60
CA ARG B 96 -6.93 19.54 10.71
C ARG B 96 -8.16 19.12 9.92
N ILE B 97 -9.36 19.37 10.47
CA ILE B 97 -10.58 19.07 9.74
C ILE B 97 -10.79 20.08 8.61
N LYS B 98 -10.59 21.37 8.92
CA LYS B 98 -10.75 22.40 7.91
C LYS B 98 -9.76 22.22 6.77
N SER B 99 -8.54 21.78 7.08
CA SER B 99 -7.54 21.56 6.04
C SER B 99 -7.94 20.41 5.13
N LYS B 100 -8.49 19.34 5.70
CA LYS B 100 -8.90 18.20 4.88
C LYS B 100 -10.15 18.51 4.07
N LEU B 101 -11.09 19.25 4.65
CA LEU B 101 -12.26 19.68 3.89
C LEU B 101 -11.85 20.60 2.74
N THR B 102 -10.83 21.43 2.95
CA THR B 102 -10.29 22.24 1.86
C THR B 102 -9.64 21.35 0.81
N LEU B 103 -8.87 20.35 1.23
CA LEU B 103 -8.23 19.45 0.28
C LEU B 103 -9.26 18.62 -0.47
N ILE B 104 -10.36 18.23 0.19
CA ILE B 104 -11.41 17.48 -0.48
C ILE B 104 -12.01 18.29 -1.63
N GLU B 105 -12.19 19.59 -1.41
CA GLU B 105 -12.73 20.44 -2.47
C GLU B 105 -11.73 20.62 -3.60
N GLU B 106 -10.43 20.65 -3.30
CA GLU B 106 -9.42 20.70 -4.35
C GLU B 106 -9.43 19.41 -5.17
N VAL B 107 -9.55 18.27 -4.50
CA VAL B 107 -9.55 16.98 -5.21
C VAL B 107 -10.75 16.88 -6.13
N TYR B 108 -11.91 17.36 -5.69
CA TYR B 108 -13.13 17.21 -6.48
C TYR B 108 -13.07 18.06 -7.74
N GLU B 109 -12.68 19.33 -7.62
CA GLU B 109 -12.64 20.21 -8.78
C GLU B 109 -11.55 19.84 -9.77
N LYS B 110 -10.62 18.96 -9.40
CA LYS B 110 -9.52 18.59 -10.28
C LYS B 110 -9.70 17.24 -10.96
N PHE B 111 -10.44 16.32 -10.36
CA PHE B 111 -10.49 14.95 -10.88
C PHE B 111 -11.91 14.37 -10.96
N PHE B 112 -12.95 15.18 -10.75
CA PHE B 112 -14.30 14.64 -10.76
C PHE B 112 -14.65 13.98 -12.10
N ASP B 113 -14.16 14.55 -13.20
CA ASP B 113 -14.55 14.06 -14.52
C ASP B 113 -13.96 12.70 -14.84
N ILE B 114 -12.93 12.26 -14.11
CA ILE B 114 -12.26 11.00 -14.40
C ILE B 114 -12.38 9.99 -13.28
N LEU B 115 -12.91 10.37 -12.12
CA LEU B 115 -13.00 9.42 -11.01
C LEU B 115 -14.27 8.59 -11.13
N PRO B 116 -14.19 7.27 -10.94
CA PRO B 116 -15.41 6.45 -10.95
C PRO B 116 -16.27 6.72 -9.72
N GLU B 117 -17.47 6.14 -9.74
CA GLU B 117 -18.44 6.41 -8.68
C GLU B 117 -17.96 5.93 -7.32
N GLU B 118 -17.19 4.83 -7.28
CA GLU B 118 -16.71 4.32 -6.00
C GLU B 118 -15.75 5.30 -5.33
N GLU B 119 -14.88 5.92 -6.12
CA GLU B 119 -13.95 6.90 -5.54
C GLU B 119 -14.65 8.17 -5.12
N LEU B 120 -15.69 8.58 -5.85
CA LEU B 120 -16.43 9.78 -5.47
C LEU B 120 -17.32 9.50 -4.26
N LEU B 121 -17.77 8.25 -4.08
CA LEU B 121 -18.52 7.92 -2.88
C LEU B 121 -17.62 7.92 -1.65
N THR B 122 -16.38 7.49 -1.80
CA THR B 122 -15.44 7.52 -0.68
C THR B 122 -15.15 8.96 -0.25
N LEU B 123 -14.95 9.86 -1.22
CA LEU B 123 -14.74 11.27 -0.89
C LEU B 123 -15.99 11.90 -0.30
N ASP B 124 -17.17 11.44 -0.71
CA ASP B 124 -18.42 11.99 -0.20
C ASP B 124 -18.63 11.63 1.27
N ILE B 125 -18.47 10.34 1.61
CA ILE B 125 -18.64 9.91 2.98
C ILE B 125 -17.57 10.53 3.87
N LEU B 126 -16.33 10.58 3.38
CA LEU B 126 -15.25 11.18 4.16
C LEU B 126 -15.50 12.66 4.41
N GLU B 127 -16.17 13.34 3.47
CA GLU B 127 -16.51 14.74 3.68
C GLU B 127 -17.52 14.89 4.81
N ASN B 128 -18.52 14.00 4.87
CA ASN B 128 -19.49 14.06 5.94
C ASN B 128 -18.91 13.63 7.28
N ILE B 129 -17.95 12.69 7.26
CA ILE B 129 -17.33 12.24 8.51
C ILE B 129 -16.48 13.35 9.10
N LEU B 130 -15.68 14.02 8.27
CA LEU B 130 -14.81 15.09 8.78
C LEU B 130 -15.63 16.28 9.25
N SER B 131 -16.63 16.69 8.47
CA SER B 131 -17.46 17.84 8.81
C SER B 131 -18.59 17.52 9.77
N PHE B 132 -18.52 16.38 10.47
CA PHE B 132 -19.56 16.03 11.42
C PHE B 132 -19.47 16.94 12.65
N THR B 133 -20.63 17.48 13.06
CA THR B 133 -20.72 18.34 14.22
C THR B 133 -21.39 17.64 15.39
N SER B 134 -22.65 17.23 15.24
CA SER B 134 -23.36 16.51 16.28
C SER B 134 -24.47 15.70 15.63
N TRP B 135 -24.96 14.70 16.36
CA TRP B 135 -26.02 13.84 15.85
C TRP B 135 -27.28 14.63 15.52
N GLU B 136 -27.47 15.78 16.17
CA GLU B 136 -28.65 16.59 15.93
C GLU B 136 -28.54 17.34 14.61
N GLU B 137 -27.45 18.09 14.42
CA GLU B 137 -27.34 18.98 13.27
C GLU B 137 -26.93 18.25 12.01
N SER B 138 -25.97 17.33 12.10
CA SER B 138 -25.47 16.65 10.92
C SER B 138 -26.56 15.78 10.29
N PRO B 139 -26.50 15.57 8.98
CA PRO B 139 -27.52 14.75 8.32
C PRO B 139 -27.52 13.32 8.83
N LYS B 140 -28.72 12.77 9.00
CA LYS B 140 -28.86 11.41 9.48
C LYS B 140 -28.34 10.41 8.44
N VAL B 141 -27.86 9.27 8.92
CA VAL B 141 -27.28 8.27 8.03
C VAL B 141 -28.34 7.75 7.07
N GLU B 142 -29.57 7.61 7.55
CA GLU B 142 -30.65 7.14 6.68
C GLU B 142 -30.94 8.14 5.57
N GLU B 143 -30.92 9.44 5.89
CA GLU B 143 -31.31 10.46 4.93
C GLU B 143 -30.45 10.40 3.66
N ILE B 144 -29.13 10.28 3.82
CA ILE B 144 -28.23 10.41 2.68
C ILE B 144 -27.76 9.05 2.19
N TYR B 145 -27.68 8.07 3.09
CA TYR B 145 -27.15 6.75 2.75
C TYR B 145 -28.17 5.66 3.07
N GLU B 146 -29.41 5.84 2.59
CA GLU B 146 -30.44 4.83 2.81
C GLU B 146 -30.04 3.49 2.22
N ASP B 147 -29.70 3.48 0.93
CA ASP B 147 -29.38 2.23 0.25
C ASP B 147 -28.11 1.60 0.80
N LEU B 148 -27.08 2.41 1.03
CA LEU B 148 -25.80 1.87 1.48
C LEU B 148 -25.92 1.26 2.88
N PHE B 149 -26.59 1.94 3.80
CA PHE B 149 -26.75 1.41 5.15
C PHE B 149 -27.70 0.23 5.17
N GLU B 150 -28.72 0.22 4.31
CA GLU B 150 -29.62 -0.92 4.24
C GLU B 150 -28.92 -2.15 3.68
N GLN B 151 -28.01 -1.95 2.73
CA GLN B 151 -27.22 -3.07 2.23
C GLN B 151 -26.24 -3.57 3.30
N VAL B 152 -25.65 -2.64 4.07
CA VAL B 152 -24.77 -3.04 5.17
C VAL B 152 -25.52 -3.92 6.16
N LYS B 153 -26.80 -3.62 6.39
CA LYS B 153 -27.62 -4.48 7.26
C LYS B 153 -27.73 -5.89 6.69
N ARG B 154 -27.78 -6.03 5.37
CA ARG B 154 -27.89 -7.34 4.74
C ARG B 154 -26.55 -7.93 4.33
N LYS B 155 -25.51 -7.11 4.27
CA LYS B 155 -24.21 -7.58 3.78
C LYS B 155 -23.43 -8.26 4.90
N ARG B 156 -22.73 -9.33 4.54
CA ARG B 156 -21.88 -10.05 5.49
C ARG B 156 -20.45 -9.57 5.45
N LYS B 157 -19.90 -9.37 4.25
CA LYS B 157 -18.55 -8.83 4.07
C LYS B 157 -18.64 -7.35 3.73
N PHE B 158 -17.81 -6.54 4.38
CA PHE B 158 -17.86 -5.10 4.23
C PHE B 158 -16.72 -4.62 3.33
N SER B 159 -17.03 -3.60 2.51
CA SER B 159 -16.04 -2.95 1.67
C SER B 159 -15.54 -1.69 2.37
N THR B 160 -14.66 -0.96 1.68
CA THR B 160 -14.14 0.29 2.24
C THR B 160 -15.24 1.32 2.41
N ASN B 161 -16.10 1.47 1.40
CA ASN B 161 -17.21 2.41 1.51
C ASN B 161 -18.27 1.91 2.49
N ASP B 162 -18.39 0.59 2.65
CA ASP B 162 -19.28 0.06 3.68
C ASP B 162 -18.80 0.43 5.07
N LEU B 163 -17.50 0.30 5.31
CA LEU B 163 -16.94 0.67 6.61
C LEU B 163 -17.01 2.17 6.85
N LEU B 164 -16.97 2.97 5.78
CA LEU B 164 -17.08 4.42 5.93
C LEU B 164 -18.48 4.83 6.33
N VAL B 165 -19.51 4.22 5.74
CA VAL B 165 -20.88 4.48 6.14
C VAL B 165 -21.10 4.05 7.59
N ILE B 166 -20.50 2.93 7.97
CA ILE B 166 -20.62 2.46 9.36
C ILE B 166 -19.97 3.45 10.32
N ASP B 167 -18.85 4.06 9.90
CA ASP B 167 -18.20 5.06 10.74
C ASP B 167 -19.09 6.28 10.90
N TYR B 168 -19.70 6.75 9.81
CA TYR B 168 -20.62 7.87 9.90
C TYR B 168 -21.83 7.50 10.75
N TYR B 169 -22.24 6.23 10.72
CA TYR B 169 -23.30 5.76 11.60
C TYR B 169 -22.86 5.77 13.06
N PHE B 170 -21.58 5.44 13.31
CA PHE B 170 -21.07 5.50 14.67
C PHE B 170 -20.98 6.92 15.19
N PHE B 171 -20.73 7.89 14.30
CA PHE B 171 -20.70 9.29 14.74
C PHE B 171 -22.07 9.77 15.18
N HIS B 172 -23.12 9.40 14.43
CA HIS B 172 -24.48 9.77 14.82
C HIS B 172 -24.94 9.04 16.07
N LEU B 173 -24.44 7.82 16.28
CA LEU B 173 -24.88 6.99 17.39
C LEU B 173 -24.24 7.37 18.72
N TYR B 174 -23.22 8.25 18.71
CA TYR B 174 -22.41 8.46 19.90
C TYR B 174 -23.19 9.15 21.01
N GLY B 175 -23.83 10.26 20.70
CA GLY B 175 -24.44 11.07 21.74
C GLY B 175 -25.82 10.63 22.19
N ARG B 176 -26.54 9.91 21.35
CA ARG B 176 -27.94 9.62 21.63
C ARG B 176 -28.08 8.62 22.78
N LYS B 177 -28.94 8.95 23.74
CA LYS B 177 -29.24 8.03 24.84
C LYS B 177 -30.20 6.93 24.40
N GLN B 178 -31.17 7.27 23.56
CA GLN B 178 -32.09 6.30 22.98
C GLN B 178 -31.56 5.88 21.61
N TYR B 179 -31.44 4.58 21.40
CA TYR B 179 -30.87 4.06 20.16
C TYR B 179 -31.27 2.60 20.01
N ASP B 180 -31.07 2.08 18.80
CA ASP B 180 -31.32 0.67 18.50
C ASP B 180 -30.16 -0.15 19.05
N LYS B 181 -30.39 -0.84 20.17
CA LYS B 181 -29.32 -1.59 20.82
C LYS B 181 -28.98 -2.87 20.06
N LYS B 182 -29.99 -3.53 19.48
CA LYS B 182 -29.74 -4.79 18.81
C LYS B 182 -29.05 -4.56 17.45
N LEU B 183 -29.40 -3.48 16.76
CA LEU B 183 -28.73 -3.16 15.51
C LEU B 183 -27.26 -2.85 15.74
N PHE B 184 -26.95 -2.12 16.83
CA PHE B 184 -25.56 -1.82 17.15
C PHE B 184 -24.78 -3.09 17.48
N GLU B 185 -25.43 -4.09 18.07
CA GLU B 185 -24.76 -5.34 18.37
C GLU B 185 -24.48 -6.15 17.11
N ARG B 186 -25.36 -6.05 16.10
CA ARG B 186 -25.09 -6.74 14.84
C ARG B 186 -23.87 -6.16 14.14
N ILE B 187 -23.75 -4.84 14.11
CA ILE B 187 -22.65 -4.20 13.41
C ILE B 187 -21.31 -4.53 14.07
N ILE B 188 -21.29 -4.57 15.40
CA ILE B 188 -20.05 -4.89 16.12
C ILE B 188 -19.54 -6.26 15.70
N LYS B 189 -20.40 -7.28 15.74
CA LYS B 189 -19.97 -8.64 15.43
C LYS B 189 -19.50 -8.75 13.99
N ARG B 190 -20.11 -8.01 13.07
CA ARG B 190 -19.72 -8.09 11.67
C ARG B 190 -18.41 -7.35 11.42
N VAL B 191 -18.19 -6.21 12.08
CA VAL B 191 -16.92 -5.50 11.96
C VAL B 191 -15.80 -6.34 12.54
N LEU B 192 -16.05 -7.02 13.66
CA LEU B 192 -15.05 -7.91 14.23
C LEU B 192 -14.79 -9.12 13.35
N ASN B 193 -15.76 -9.49 12.50
CA ASN B 193 -15.61 -10.63 11.61
C ASN B 193 -14.87 -10.29 10.33
N GLN B 194 -14.62 -9.01 10.07
CA GLN B 194 -13.95 -8.61 8.84
C GLN B 194 -12.50 -9.07 8.83
N GLU B 195 -11.99 -9.34 7.64
CA GLU B 195 -10.61 -9.79 7.45
C GLU B 195 -9.72 -8.61 7.10
N ILE B 196 -8.51 -8.61 7.65
CA ILE B 196 -7.57 -7.51 7.45
C ILE B 196 -6.92 -7.68 6.08
N TRP B 197 -7.08 -6.68 5.21
CA TRP B 197 -6.55 -6.74 3.86
C TRP B 197 -5.08 -6.33 3.84
N THR B 198 -4.54 -6.15 2.64
CA THR B 198 -3.28 -5.44 2.45
C THR B 198 -3.51 -4.00 2.01
N ASP B 199 -4.75 -3.63 1.72
CA ASP B 199 -5.10 -2.25 1.37
C ASP B 199 -5.07 -1.39 2.62
N ASP B 200 -4.14 -0.44 2.67
CA ASP B 200 -4.01 0.40 3.86
C ASP B 200 -5.24 1.26 4.10
N VAL B 201 -5.90 1.70 3.03
CA VAL B 201 -7.11 2.51 3.18
C VAL B 201 -8.20 1.70 3.87
N TYR B 202 -8.36 0.43 3.48
CA TYR B 202 -9.36 -0.43 4.11
C TYR B 202 -9.04 -0.66 5.58
N ASN B 203 -7.77 -0.91 5.90
CA ASN B 203 -7.39 -1.18 7.28
C ASN B 203 -7.52 0.06 8.16
N ILE B 204 -7.28 1.24 7.59
CA ILE B 204 -7.39 2.47 8.37
C ILE B 204 -8.85 2.74 8.73
N VAL B 205 -9.77 2.55 7.79
CA VAL B 205 -11.18 2.75 8.07
C VAL B 205 -11.69 1.67 9.02
N LEU B 206 -11.20 0.44 8.86
CA LEU B 206 -11.54 -0.61 9.81
C LEU B 206 -11.07 -0.28 11.21
N PHE B 207 -9.86 0.27 11.32
CA PHE B 207 -9.36 0.70 12.63
C PHE B 207 -10.24 1.81 13.21
N ASN B 208 -10.70 2.73 12.36
CA ASN B 208 -11.59 3.79 12.83
C ASN B 208 -12.88 3.22 13.40
N ASP B 209 -13.46 2.23 12.72
CA ASP B 209 -14.68 1.60 13.23
C ASP B 209 -14.43 0.92 14.56
N LEU B 210 -13.26 0.28 14.73
CA LEU B 210 -12.93 -0.35 15.99
C LEU B 210 -12.75 0.69 17.09
N MET B 211 -12.18 1.84 16.77
CA MET B 211 -12.05 2.91 17.75
C MET B 211 -13.41 3.51 18.09
N ALA B 212 -14.33 3.56 17.13
CA ALA B 212 -15.66 4.10 17.41
C ALA B 212 -16.49 3.11 18.21
N ILE B 213 -16.31 1.81 17.97
CA ILE B 213 -17.00 0.79 18.76
C ILE B 213 -16.54 0.87 20.21
N ALA B 214 -15.24 0.96 20.43
CA ALA B 214 -14.72 1.07 21.79
C ALA B 214 -15.18 2.35 22.46
N ALA B 215 -15.24 3.46 21.70
CA ALA B 215 -15.72 4.72 22.26
C ALA B 215 -17.20 4.64 22.61
N LEU B 216 -17.97 3.91 21.80
CA LEU B 216 -19.40 3.75 22.07
C LEU B 216 -19.65 2.86 23.28
N LYS B 217 -18.84 1.80 23.43
CA LYS B 217 -18.97 0.94 24.60
C LYS B 217 -18.64 1.69 25.88
N ILE B 218 -17.69 2.63 25.82
CA ILE B 218 -17.34 3.42 26.99
C ILE B 218 -18.49 4.36 27.36
N PHE B 219 -19.09 5.02 26.37
CA PHE B 219 -20.21 5.90 26.63
C PHE B 219 -21.41 5.12 27.14
N HIS B 220 -21.63 3.91 26.62
CA HIS B 220 -22.71 3.05 27.10
C HIS B 220 -22.32 2.26 28.34
N ASN B 221 -21.05 2.28 28.73
CA ASN B 221 -20.54 1.49 29.86
C ASN B 221 -20.83 0.01 29.66
N SER B 222 -20.64 -0.47 28.43
CA SER B 222 -20.87 -1.86 28.05
C SER B 222 -19.53 -2.46 27.64
N PHE B 223 -18.75 -2.88 28.63
CA PHE B 223 -17.40 -3.36 28.41
C PHE B 223 -17.33 -4.84 28.06
N SER B 224 -18.45 -5.45 27.68
CA SER B 224 -18.41 -6.80 27.17
C SER B 224 -17.80 -6.81 25.76
N ASP B 225 -16.92 -7.78 25.51
CA ASP B 225 -16.20 -7.91 24.25
C ASP B 225 -15.31 -6.71 23.95
N PHE B 226 -14.97 -5.93 24.98
CA PHE B 226 -14.13 -4.75 24.77
C PHE B 226 -12.70 -5.14 24.44
N LEU B 227 -12.16 -6.14 25.13
CA LEU B 227 -10.79 -6.59 24.85
C LEU B 227 -10.69 -7.24 23.48
N THR B 228 -11.80 -7.77 22.96
CA THR B 228 -11.79 -8.33 21.61
C THR B 228 -11.58 -7.24 20.57
N VAL B 229 -12.22 -6.09 20.76
CA VAL B 229 -12.02 -4.96 19.85
C VAL B 229 -10.59 -4.45 19.93
N VAL B 230 -10.04 -4.34 21.14
CA VAL B 230 -8.66 -3.89 21.31
C VAL B 230 -7.70 -4.83 20.60
N ASP B 231 -7.94 -6.14 20.70
CA ASP B 231 -7.05 -7.11 20.06
C ASP B 231 -7.08 -6.97 18.55
N LYS B 232 -8.26 -6.75 17.97
CA LYS B 232 -8.34 -6.59 16.51
C LYS B 232 -7.73 -5.28 16.08
N ALA B 233 -7.87 -4.22 16.88
CA ALA B 233 -7.19 -2.97 16.58
C ALA B 233 -5.69 -3.14 16.62
N LEU B 234 -5.19 -3.97 17.54
CA LEU B 234 -3.76 -4.29 17.55
C LEU B 234 -3.37 -5.11 16.33
N ALA B 235 -4.24 -6.05 15.92
CA ALA B 235 -3.92 -6.90 14.77
C ALA B 235 -3.81 -6.09 13.49
N VAL B 236 -4.66 -5.06 13.35
CA VAL B 236 -4.59 -4.19 12.19
C VAL B 236 -3.25 -3.44 12.17
N ILE B 237 -2.85 -2.91 13.34
CA ILE B 237 -1.59 -2.19 13.43
C ILE B 237 -0.42 -3.12 13.15
N GLU B 238 -0.48 -4.36 13.65
CA GLU B 238 0.65 -5.27 13.51
C GLU B 238 0.82 -5.75 12.07
N LYS B 239 -0.26 -5.80 11.29
CA LYS B 239 -0.19 -6.28 9.93
C LYS B 239 0.14 -5.17 8.93
N SER B 240 -0.39 -3.97 9.13
CA SER B 240 -0.09 -2.85 8.26
C SER B 240 1.14 -2.07 8.70
N GLN B 241 1.62 -2.29 9.92
CA GLN B 241 2.76 -1.55 10.47
C GLN B 241 2.52 -0.04 10.42
N LEU B 242 1.28 0.36 10.67
CA LEU B 242 0.91 1.77 10.75
C LEU B 242 0.79 2.13 12.23
N TYR B 243 1.93 2.44 12.83
CA TYR B 243 2.00 2.70 14.26
C TYR B 243 1.60 4.11 14.63
N SER B 244 1.16 4.93 13.66
CA SER B 244 0.63 6.25 13.99
C SER B 244 -0.67 6.18 14.77
N TYR B 245 -1.29 5.00 14.86
CA TYR B 245 -2.57 4.82 15.52
C TYR B 245 -2.47 4.05 16.84
N LYS B 246 -1.29 3.53 17.18
CA LYS B 246 -1.15 2.80 18.43
C LYS B 246 -1.36 3.66 19.68
N PRO B 247 -1.02 4.96 19.71
CA PRO B 247 -1.41 5.77 20.88
C PRO B 247 -2.89 5.72 21.20
N SER B 248 -3.75 5.63 20.20
CA SER B 248 -5.18 5.53 20.46
C SER B 248 -5.55 4.20 21.09
N VAL B 249 -4.77 3.15 20.81
CA VAL B 249 -5.03 1.85 21.44
C VAL B 249 -4.67 1.90 22.91
N PHE B 250 -3.56 2.57 23.26
CA PHE B 250 -3.20 2.71 24.67
C PHE B 250 -4.23 3.51 25.44
N VAL B 251 -4.89 4.47 24.79
CA VAL B 251 -5.97 5.21 25.44
C VAL B 251 -7.13 4.27 25.74
N LEU B 252 -7.41 3.33 24.83
CA LEU B 252 -8.49 2.37 25.06
C LEU B 252 -8.18 1.50 26.28
N LYS B 253 -6.95 1.00 26.37
CA LYS B 253 -6.57 0.21 27.53
C LYS B 253 -6.57 1.04 28.80
N ALA B 254 -6.23 2.32 28.70
CA ALA B 254 -6.29 3.19 29.87
C ALA B 254 -7.74 3.40 30.32
N LYS B 255 -8.66 3.60 29.36
CA LYS B 255 -10.06 3.71 29.71
C LYS B 255 -10.61 2.42 30.29
N TYR B 256 -10.11 1.27 29.83
CA TYR B 256 -10.61 -0.01 30.32
C TYR B 256 -10.17 -0.26 31.76
N GLU B 257 -8.94 0.12 32.09
CA GLU B 257 -8.46 -0.07 33.46
C GLU B 257 -9.16 0.87 34.42
N LEU B 258 -9.47 2.09 33.98
CA LEU B 258 -10.03 3.09 34.87
C LEU B 258 -11.52 2.85 35.14
N LEU B 259 -12.30 2.62 34.09
CA LEU B 259 -13.75 2.60 34.21
C LEU B 259 -14.31 1.22 34.50
N HIS B 260 -13.63 0.16 34.06
CA HIS B 260 -14.14 -1.20 34.23
C HIS B 260 -13.36 -2.01 35.24
N LYS B 261 -12.03 -2.02 35.15
CA LYS B 261 -11.22 -2.77 36.09
C LYS B 261 -10.95 -2.02 37.39
N GLU B 262 -11.29 -0.73 37.46
CA GLU B 262 -11.13 0.08 38.66
C GLU B 262 -9.68 0.09 39.15
N ASN B 263 -8.76 0.15 38.20
CA ASN B 263 -7.32 0.14 38.48
C ASN B 263 -6.74 1.45 37.95
N LYS B 264 -6.59 2.43 38.84
CA LYS B 264 -6.16 3.76 38.41
C LYS B 264 -4.66 3.79 38.10
N LYS B 265 -3.85 3.04 38.86
CA LYS B 265 -2.42 3.05 38.63
C LYS B 265 -2.08 2.39 37.30
N GLU B 266 -2.79 1.31 36.95
CA GLU B 266 -2.55 0.68 35.65
C GLU B 266 -3.17 1.51 34.52
N ALA B 267 -4.21 2.30 34.82
CA ALA B 267 -4.78 3.18 33.81
C ALA B 267 -3.86 4.34 33.50
N ALA B 268 -3.17 4.86 34.52
CA ALA B 268 -2.24 5.97 34.29
C ALA B 268 -1.00 5.52 33.55
N GLU B 269 -0.57 4.28 33.75
CA GLU B 269 0.61 3.77 33.04
C GLU B 269 0.32 3.62 31.55
N ASN B 270 -0.88 3.15 31.19
CA ASN B 270 -1.26 3.08 29.79
C ASN B 270 -1.39 4.47 29.18
N TYR B 271 -1.88 5.44 29.97
CA TYR B 271 -1.91 6.82 29.50
C TYR B 271 -0.51 7.33 29.23
N ASP B 272 0.44 7.03 30.12
CA ASP B 272 1.82 7.46 29.92
C ASP B 272 2.44 6.82 28.69
N LYS B 273 2.07 5.58 28.39
CA LYS B 273 2.59 4.94 27.18
C LYS B 273 2.04 5.61 25.92
N ALA B 274 0.80 6.09 25.97
CA ALA B 274 0.24 6.80 24.82
C ALA B 274 0.90 8.16 24.65
N ILE B 275 1.19 8.85 25.76
CA ILE B 275 1.85 10.14 25.68
C ILE B 275 3.27 10.00 25.14
N VAL B 276 3.99 8.98 25.60
CA VAL B 276 5.34 8.74 25.09
C VAL B 276 5.29 8.36 23.61
N PHE B 277 4.31 7.54 23.23
CA PHE B 277 4.18 7.15 21.83
C PHE B 277 3.85 8.35 20.96
N ALA B 278 2.98 9.24 21.44
CA ALA B 278 2.65 10.43 20.67
C ALA B 278 3.82 11.40 20.59
N SER B 279 4.69 11.41 21.60
CA SER B 279 5.82 12.34 21.60
C SER B 279 6.87 11.90 20.60
N VAL B 280 7.17 10.60 20.52
CA VAL B 280 8.15 10.12 19.57
C VAL B 280 7.63 10.21 18.14
N LEU B 281 6.31 10.19 17.95
CA LEU B 281 5.73 10.48 16.66
C LEU B 281 5.74 11.96 16.33
N GLU B 282 6.03 12.81 17.31
CA GLU B 282 6.10 14.27 17.13
C GLU B 282 4.78 14.84 16.65
N ASP B 283 3.67 14.27 17.11
CA ASP B 283 2.33 14.78 16.85
C ASP B 283 1.88 15.49 18.13
N SER B 284 2.12 16.81 18.18
CA SER B 284 1.79 17.57 19.38
C SER B 284 0.29 17.66 19.60
N VAL B 285 -0.50 17.70 18.52
CA VAL B 285 -1.96 17.76 18.66
C VAL B 285 -2.47 16.49 19.33
N LEU B 286 -1.93 15.33 18.94
CA LEU B 286 -2.30 14.09 19.60
C LEU B 286 -1.76 14.04 21.02
N GLU B 287 -0.52 14.47 21.22
CA GLU B 287 0.07 14.45 22.55
C GLU B 287 -0.68 15.34 23.52
N GLU B 288 -1.08 16.54 23.06
CA GLU B 288 -1.85 17.44 23.92
C GLU B 288 -3.24 16.88 24.22
N SER B 289 -3.83 16.13 23.28
CA SER B 289 -5.16 15.59 23.50
C SER B 289 -5.13 14.43 24.50
N ILE B 290 -4.07 13.62 24.46
CA ILE B 290 -3.97 12.50 25.39
C ILE B 290 -3.70 12.99 26.80
N LYS B 291 -2.86 14.03 26.94
CA LYS B 291 -2.58 14.57 28.25
C LYS B 291 -3.80 15.30 28.83
N ALA B 292 -4.62 15.90 27.98
CA ALA B 292 -5.84 16.53 28.46
C ALA B 292 -6.87 15.49 28.88
N GLY B 293 -6.94 14.37 28.15
CA GLY B 293 -7.85 13.31 28.54
C GLY B 293 -7.43 12.61 29.80
N LYS B 294 -6.12 12.49 30.04
CA LYS B 294 -5.64 11.87 31.27
C LYS B 294 -6.01 12.71 32.49
N LEU B 295 -5.79 14.03 32.42
CA LEU B 295 -6.12 14.89 33.54
C LEU B 295 -7.62 14.99 33.77
N ALA B 296 -8.41 14.96 32.69
CA ALA B 296 -9.86 15.00 32.83
C ALA B 296 -10.42 13.72 33.41
N ASP B 297 -9.67 12.63 33.37
CA ASP B 297 -10.09 11.35 33.94
C ASP B 297 -9.63 11.19 35.39
N GLY B 298 -9.39 12.29 36.09
CA GLY B 298 -8.96 12.21 37.48
C GLY B 298 -7.56 11.68 37.68
N LEU B 299 -6.70 11.81 36.67
CA LEU B 299 -5.33 11.34 36.76
C LEU B 299 -4.33 12.48 36.60
N LEU C 1 26.10 -4.81 4.63
CA LEU C 1 25.65 -3.57 5.25
C LEU C 1 25.40 -3.76 6.74
N PRO C 2 25.52 -2.69 7.51
CA PRO C 2 25.14 -2.76 8.93
C PRO C 2 23.65 -3.04 9.08
N TYR C 3 23.25 -3.21 10.34
CA TYR C 3 21.88 -3.63 10.65
C TYR C 3 20.86 -2.55 10.28
N PHE C 4 21.21 -1.28 10.45
CA PHE C 4 20.23 -0.22 10.24
C PHE C 4 19.94 0.00 8.76
N ALA C 5 20.85 -0.40 7.87
CA ALA C 5 20.62 -0.29 6.44
C ALA C 5 19.87 -1.49 5.88
N GLY C 6 19.63 -2.52 6.69
CA GLY C 6 18.89 -3.68 6.24
C GLY C 6 17.41 -3.56 6.50
N CYS C 7 16.78 -2.53 5.95
CA CYS C 7 15.36 -2.27 6.12
C CYS C 7 14.48 -3.12 5.20
N LEU C 8 15.01 -4.23 4.71
CA LEU C 8 14.20 -5.19 3.94
C LEU C 8 14.30 -6.57 4.58
N LEU D 1 -17.89 12.12 18.68
CA LEU D 1 -16.94 11.05 18.92
C LEU D 1 -15.64 11.61 19.49
N PRO D 2 -15.05 10.91 20.45
CA PRO D 2 -13.83 11.40 21.10
C PRO D 2 -12.66 11.49 20.13
N TYR D 3 -11.58 12.11 20.61
CA TYR D 3 -10.44 12.39 19.75
C TYR D 3 -9.73 11.10 19.31
N PHE D 4 -9.63 10.12 20.22
CA PHE D 4 -8.91 8.90 19.87
C PHE D 4 -9.65 8.06 18.85
N ALA D 5 -10.94 8.30 18.66
CA ALA D 5 -11.71 7.63 17.62
C ALA D 5 -11.74 8.41 16.31
N GLY D 6 -11.09 9.58 16.27
CA GLY D 6 -11.02 10.37 15.07
C GLY D 6 -9.76 10.11 14.27
N CYS D 7 -9.49 8.84 13.97
CA CYS D 7 -8.31 8.46 13.21
C CYS D 7 -8.44 8.74 11.71
N LEU D 8 -9.29 9.69 11.33
CA LEU D 8 -9.37 10.15 9.94
C LEU D 8 -9.16 11.66 9.90
#